data_6CGK
#
_entry.id   6CGK
#
_cell.length_a   105.627
_cell.length_b   105.627
_cell.length_c   36.255
_cell.angle_alpha   90.000
_cell.angle_beta   90.000
_cell.angle_gamma   90.000
#
_symmetry.space_group_name_H-M   'P 4 21 2'
#
loop_
_entity.id
_entity.type
_entity.pdbx_description
1 polymer 'effector protein Lem4 (lpg1101)'
2 non-polymer 'PHOSPHATE ION'
3 non-polymer 'MAGNESIUM ION'
4 non-polymer GLYCEROL
5 water water
#
_entity_poly.entity_id   1
_entity_poly.type   'polypeptide(L)'
_entity_poly.pdbx_seq_one_letter_code
;SNASFDETSKRNEGRVKNIVYLNFDGTITGAHGKEVISSPLCEALSTKATFDERMRYKNEYDASDNKIKITENAKNFLQD
VNKLHPQVKIVIISRNHENYIKALLEFENIDHRNIIIYPRGVGNTIGPGEDKYKAVVSHEEKPECLPGFRLICDDDEVDG
EEMCNGLIHTGRSQLVKFHNEKPGQFKWGEYFKEILTNCDIAVKEYLNGKIGSRFH
;
_entity_poly.pdbx_strand_id   A
#
loop_
_chem_comp.id
_chem_comp.type
_chem_comp.name
_chem_comp.formula
GOL non-polymer GLYCEROL 'C3 H8 O3'
MG non-polymer 'MAGNESIUM ION' 'Mg 2'
PO4 non-polymer 'PHOSPHATE ION' 'O4 P -3'
#
# COMPACT_ATOMS: atom_id res chain seq x y z
N GLU A 13 12.75 -19.14 -0.36
CA GLU A 13 13.41 -18.99 0.94
C GLU A 13 12.72 -17.93 1.81
N GLY A 14 12.28 -18.33 2.99
CA GLY A 14 11.53 -17.49 3.90
C GLY A 14 10.06 -17.90 3.95
N ARG A 15 9.36 -17.41 4.97
CA ARG A 15 7.93 -17.64 5.08
C ARG A 15 7.19 -16.33 5.25
N VAL A 16 6.17 -16.11 4.44
CA VAL A 16 5.27 -14.98 4.57
C VAL A 16 3.86 -15.57 4.66
N LYS A 17 3.25 -15.49 5.85
CA LYS A 17 1.92 -16.04 6.07
C LYS A 17 0.81 -14.99 6.14
N ASN A 18 1.14 -13.73 6.42
CA ASN A 18 0.15 -12.71 6.67
C ASN A 18 0.51 -11.49 5.84
N ILE A 19 -0.39 -11.08 4.94
CA ILE A 19 -0.10 -9.99 4.01
C ILE A 19 -1.21 -8.95 4.05
N VAL A 20 -0.79 -7.68 4.05
CA VAL A 20 -1.65 -6.52 3.98
C VAL A 20 -1.45 -5.90 2.60
N TYR A 21 -2.48 -5.97 1.75
CA TYR A 21 -2.47 -5.41 0.41
C TYR A 21 -3.21 -4.09 0.44
N LEU A 22 -2.51 -3.01 0.11
CA LEU A 22 -3.08 -1.67 0.20
C LEU A 22 -2.97 -1.00 -1.16
N ASN A 23 -4.10 -0.52 -1.64
CA ASN A 23 -4.09 0.50 -2.67
C ASN A 23 -3.41 1.75 -2.11
N PHE A 24 -2.92 2.62 -3.01
CA PHE A 24 -2.27 3.84 -2.52
C PHE A 24 -3.17 5.07 -2.61
N ASP A 25 -3.48 5.54 -3.83
CA ASP A 25 -4.23 6.80 -3.96
C ASP A 25 -5.65 6.60 -3.46
N GLY A 26 -6.06 7.42 -2.52
CA GLY A 26 -7.41 7.39 -1.99
C GLY A 26 -7.60 6.43 -0.84
N THR A 27 -6.63 5.57 -0.61
CA THR A 27 -6.64 4.62 0.48
C THR A 27 -5.64 5.03 1.55
N ILE A 28 -4.36 5.04 1.21
CA ILE A 28 -3.34 5.62 2.08
C ILE A 28 -3.38 7.15 2.04
N THR A 29 -3.72 7.77 0.90
CA THR A 29 -3.89 9.22 0.82
C THR A 29 -5.36 9.58 0.85
N GLY A 30 -5.64 10.89 0.84
CA GLY A 30 -7.01 11.35 0.84
C GLY A 30 -7.58 11.67 -0.52
N ALA A 31 -6.94 11.25 -1.61
CA ALA A 31 -7.37 11.64 -2.94
C ALA A 31 -7.33 10.45 -3.90
N HIS A 32 -8.47 10.19 -4.55
CA HIS A 32 -8.55 9.15 -5.58
C HIS A 32 -7.49 9.37 -6.65
N GLY A 33 -6.96 8.28 -7.18
CA GLY A 33 -5.86 8.38 -8.12
C GLY A 33 -6.16 9.22 -9.35
N LYS A 34 -7.43 9.23 -9.80
CA LYS A 34 -7.77 10.00 -11.00
C LYS A 34 -7.44 11.47 -10.81
N GLU A 35 -7.55 12.00 -9.60
CA GLU A 35 -7.32 13.41 -9.42
C GLU A 35 -5.89 13.75 -9.05
N VAL A 36 -4.99 12.78 -9.08
CA VAL A 36 -3.59 13.01 -8.74
CA VAL A 36 -3.60 13.06 -8.78
C VAL A 36 -2.64 12.48 -9.81
N ILE A 37 -3.03 11.39 -10.50
CA ILE A 37 -2.08 10.73 -11.39
C ILE A 37 -1.49 11.71 -12.41
N SER A 38 -2.31 12.62 -12.94
CA SER A 38 -1.87 13.58 -13.93
C SER A 38 -1.51 14.92 -13.34
N SER A 39 -1.39 14.99 -12.04
CA SER A 39 -1.11 16.31 -11.47
C SER A 39 0.36 16.68 -11.68
N PRO A 40 0.67 17.97 -11.73
CA PRO A 40 2.05 18.40 -11.88
C PRO A 40 3.00 17.75 -10.87
N LEU A 41 2.61 17.66 -9.60
CA LEU A 41 3.51 17.14 -8.58
C LEU A 41 3.78 15.65 -8.78
N CYS A 42 2.73 14.89 -9.12
CA CYS A 42 2.92 13.48 -9.36
CA CYS A 42 2.87 13.46 -9.41
C CYS A 42 3.78 13.26 -10.61
N GLU A 43 3.51 14.01 -11.69
CA GLU A 43 4.35 13.87 -12.87
C GLU A 43 5.80 14.27 -12.56
N ALA A 44 6.00 15.35 -11.81
CA ALA A 44 7.36 15.78 -11.49
C ALA A 44 8.10 14.72 -10.66
N LEU A 45 7.43 14.15 -9.67
CA LEU A 45 8.11 13.15 -8.82
C LEU A 45 8.35 11.82 -9.54
N SER A 46 7.63 11.56 -10.62
CA SER A 46 7.67 10.22 -11.22
C SER A 46 9.09 9.81 -11.59
N THR A 47 9.91 10.76 -12.03
CA THR A 47 11.25 10.45 -12.51
C THR A 47 12.32 10.66 -11.45
N LYS A 48 11.94 10.91 -10.21
CA LYS A 48 12.91 11.24 -9.16
C LYS A 48 13.31 9.96 -8.44
N ALA A 49 14.43 9.37 -8.88
CA ALA A 49 14.74 7.99 -8.54
C ALA A 49 15.63 7.87 -7.31
N THR A 50 15.99 8.99 -6.66
CA THR A 50 16.76 8.90 -5.43
C THR A 50 16.10 9.73 -4.32
N PHE A 51 16.42 9.36 -3.08
CA PHE A 51 15.95 10.10 -1.91
C PHE A 51 16.25 11.58 -2.03
N ASP A 52 17.48 11.93 -2.45
CA ASP A 52 17.86 13.34 -2.51
C ASP A 52 17.01 14.10 -3.52
N GLU A 53 16.70 13.47 -4.64
CA GLU A 53 15.90 14.17 -5.64
C GLU A 53 14.45 14.30 -5.18
N ARG A 54 13.92 13.25 -4.56
CA ARG A 54 12.55 13.30 -4.09
C ARG A 54 12.37 14.34 -2.99
N MET A 55 13.32 14.41 -2.04
CA MET A 55 13.12 15.22 -0.84
C MET A 55 13.03 16.69 -1.18
N ARG A 56 13.51 17.10 -2.35
CA ARG A 56 13.38 18.51 -2.72
C ARG A 56 11.93 18.92 -2.89
N TYR A 57 11.03 17.97 -3.14
CA TYR A 57 9.59 18.20 -3.28
C TYR A 57 8.85 18.26 -1.94
N LYS A 58 9.52 18.06 -0.80
CA LYS A 58 8.75 17.98 0.44
C LYS A 58 8.02 19.29 0.72
N ASN A 59 8.66 20.43 0.47
CA ASN A 59 8.01 21.69 0.77
CA ASN A 59 8.02 21.71 0.75
C ASN A 59 6.77 21.89 -0.11
N GLU A 60 6.86 21.56 -1.40
CA GLU A 60 5.66 21.65 -2.23
C GLU A 60 4.57 20.68 -1.75
N TYR A 61 4.96 19.46 -1.35
CA TYR A 61 3.99 18.54 -0.76
C TYR A 61 3.32 19.15 0.47
N ASP A 62 4.14 19.66 1.40
CA ASP A 62 3.56 20.17 2.63
C ASP A 62 2.60 21.34 2.39
N ALA A 63 2.84 22.14 1.33
CA ALA A 63 1.98 23.27 0.99
C ALA A 63 0.77 22.85 0.14
N SER A 64 0.64 21.57 -0.15
CA SER A 64 -0.41 21.06 -1.03
C SER A 64 -1.75 20.95 -0.31
N ASP A 65 -2.81 20.82 -1.10
CA ASP A 65 -4.14 20.49 -0.57
C ASP A 65 -4.02 19.26 0.33
N ASN A 66 -4.66 19.32 1.50
CA ASN A 66 -4.48 18.20 2.42
C ASN A 66 -5.01 16.89 1.86
N LYS A 67 -5.87 16.93 0.83
CA LYS A 67 -6.43 15.68 0.32
C LYS A 67 -5.36 14.81 -0.31
N ILE A 68 -4.30 15.41 -0.86
CA ILE A 68 -3.31 14.56 -1.53
C ILE A 68 -2.35 13.89 -0.56
N LYS A 69 -2.32 14.32 0.69
CA LYS A 69 -1.32 13.77 1.61
C LYS A 69 -1.72 12.39 2.15
N ILE A 70 -0.72 11.64 2.58
CA ILE A 70 -0.95 10.45 3.41
C ILE A 70 -1.72 10.89 4.64
N THR A 71 -2.78 10.16 4.97
CA THR A 71 -3.61 10.66 6.06
C THR A 71 -2.91 10.34 7.36
N GLU A 72 -3.26 11.09 8.40
CA GLU A 72 -2.65 10.86 9.71
C GLU A 72 -2.80 9.42 10.16
N ASN A 73 -4.01 8.87 10.05
CA ASN A 73 -4.25 7.52 10.54
C ASN A 73 -3.59 6.46 9.67
N ALA A 74 -3.43 6.72 8.38
CA ALA A 74 -2.75 5.75 7.53
C ALA A 74 -1.26 5.73 7.82
N LYS A 75 -0.70 6.91 8.08
CA LYS A 75 0.69 6.99 8.48
C LYS A 75 0.94 6.17 9.73
N ASN A 76 0.12 6.39 10.76
CA ASN A 76 0.30 5.65 12.02
C ASN A 76 0.13 4.15 11.78
N PHE A 77 -0.84 3.76 10.95
CA PHE A 77 -1.04 2.35 10.63
C PHE A 77 0.22 1.75 9.99
N LEU A 78 0.77 2.43 8.97
CA LEU A 78 1.95 1.89 8.31
C LEU A 78 3.11 1.80 9.27
N GLN A 79 3.29 2.80 10.12
CA GLN A 79 4.38 2.76 11.08
C GLN A 79 4.17 1.64 12.08
N ASP A 80 2.93 1.43 12.53
CA ASP A 80 2.67 0.35 13.49
C ASP A 80 2.87 -1.02 12.85
N VAL A 81 2.35 -1.22 11.63
CA VAL A 81 2.45 -2.53 11.00
C VAL A 81 3.89 -2.81 10.59
N ASN A 82 4.67 -1.78 10.23
CA ASN A 82 6.10 -1.98 9.98
C ASN A 82 6.78 -2.66 11.16
N LYS A 83 6.35 -2.33 12.39
CA LYS A 83 6.99 -2.93 13.55
C LYS A 83 6.64 -4.40 13.69
N LEU A 84 5.56 -4.87 13.05
CA LEU A 84 5.22 -6.29 13.08
C LEU A 84 5.99 -7.10 12.05
N HIS A 85 6.82 -6.47 11.25
CA HIS A 85 7.64 -7.21 10.29
C HIS A 85 8.61 -8.11 11.06
N PRO A 86 8.86 -9.35 10.59
CA PRO A 86 8.38 -10.01 9.37
C PRO A 86 7.12 -10.85 9.54
N GLN A 87 6.47 -10.81 10.72
CA GLN A 87 5.27 -11.62 10.90
C GLN A 87 4.14 -11.19 9.97
N VAL A 88 4.13 -9.91 9.58
CA VAL A 88 3.15 -9.35 8.66
C VAL A 88 3.91 -8.55 7.61
N LYS A 89 3.55 -8.73 6.34
CA LYS A 89 4.20 -7.99 5.26
C LYS A 89 3.18 -7.03 4.66
N ILE A 90 3.68 -5.88 4.20
CA ILE A 90 2.86 -4.84 3.57
C ILE A 90 3.19 -4.84 2.08
N VAL A 91 2.16 -4.87 1.24
CA VAL A 91 2.31 -4.80 -0.20
C VAL A 91 1.43 -3.66 -0.69
N ILE A 92 2.03 -2.67 -1.35
CA ILE A 92 1.27 -1.55 -1.95
C ILE A 92 1.07 -1.84 -3.43
N ILE A 93 -0.18 -1.83 -3.88
CA ILE A 93 -0.48 -2.11 -5.28
C ILE A 93 -1.16 -0.86 -5.85
N SER A 94 -0.57 -0.26 -6.86
CA SER A 94 -1.03 1.07 -7.24
C SER A 94 -0.78 1.31 -8.72
N ARG A 95 -1.70 2.07 -9.37
CA ARG A 95 -1.44 2.55 -10.72
C ARG A 95 -0.60 3.83 -10.75
N ASN A 96 -0.17 4.32 -9.59
CA ASN A 96 0.67 5.51 -9.55
C ASN A 96 2.15 5.10 -9.71
N HIS A 97 3.00 6.11 -9.80
CA HIS A 97 4.43 5.93 -10.02
C HIS A 97 5.13 5.50 -8.75
N GLU A 98 6.09 4.58 -8.90
CA GLU A 98 6.88 4.11 -7.76
C GLU A 98 7.55 5.26 -7.03
N ASN A 99 8.11 6.22 -7.78
CA ASN A 99 8.85 7.29 -7.11
C ASN A 99 7.91 8.27 -6.41
N TYR A 100 6.68 8.40 -6.87
CA TYR A 100 5.75 9.25 -6.15
C TYR A 100 5.37 8.60 -4.83
N ILE A 101 5.10 7.29 -4.88
CA ILE A 101 4.78 6.55 -3.66
C ILE A 101 5.93 6.63 -2.68
N LYS A 102 7.16 6.34 -3.12
CA LYS A 102 8.31 6.42 -2.22
C LYS A 102 8.47 7.83 -1.65
N ALA A 103 8.28 8.85 -2.50
CA ALA A 103 8.44 10.22 -2.03
C ALA A 103 7.47 10.51 -0.90
N LEU A 104 6.19 10.16 -1.07
CA LEU A 104 5.22 10.51 -0.02
C LEU A 104 5.52 9.75 1.27
N LEU A 105 5.84 8.47 1.16
CA LEU A 105 6.30 7.74 2.36
C LEU A 105 7.48 8.44 3.03
N GLU A 106 8.47 8.84 2.23
CA GLU A 106 9.63 9.54 2.81
C GLU A 106 9.27 10.87 3.44
N PHE A 107 8.40 11.65 2.79
CA PHE A 107 7.95 12.92 3.35
C PHE A 107 7.33 12.75 4.72
N GLU A 108 6.68 11.60 4.96
CA GLU A 108 6.03 11.32 6.22
C GLU A 108 6.91 10.52 7.17
N ASN A 109 8.17 10.29 6.80
CA ASN A 109 9.13 9.58 7.68
C ASN A 109 8.64 8.17 7.98
N ILE A 110 8.07 7.54 6.96
CA ILE A 110 7.66 6.13 7.01
C ILE A 110 8.72 5.30 6.31
N ASP A 111 9.24 4.30 7.02
CA ASP A 111 10.21 3.41 6.44
C ASP A 111 9.54 2.52 5.41
N HIS A 112 10.12 2.42 4.22
CA HIS A 112 9.56 1.56 3.20
C HIS A 112 10.54 0.47 2.78
N ARG A 113 11.63 0.28 3.54
CA ARG A 113 12.64 -0.73 3.22
C ARG A 113 12.00 -2.10 2.98
N ASN A 114 10.99 -2.44 3.78
CA ASN A 114 10.41 -3.79 3.74
C ASN A 114 9.05 -3.80 3.08
N ILE A 115 8.52 -2.65 2.67
CA ILE A 115 7.25 -2.61 1.96
C ILE A 115 7.51 -2.93 0.49
N ILE A 116 6.72 -3.86 -0.06
CA ILE A 116 6.77 -4.18 -1.47
C ILE A 116 5.81 -3.28 -2.22
N ILE A 117 6.29 -2.62 -3.27
CA ILE A 117 5.49 -1.70 -4.06
C ILE A 117 5.36 -2.26 -5.47
N TYR A 118 4.11 -2.49 -5.89
CA TYR A 118 3.82 -2.89 -7.27
C TYR A 118 3.16 -1.71 -7.96
N PRO A 119 3.91 -0.95 -8.77
CA PRO A 119 3.43 0.35 -9.25
C PRO A 119 3.16 0.37 -10.75
N ARG A 120 2.83 1.53 -11.31
CA ARG A 120 2.73 1.57 -12.76
C ARG A 120 4.11 1.35 -13.38
N GLY A 121 4.12 1.01 -14.67
CA GLY A 121 5.36 0.85 -15.40
C GLY A 121 5.97 2.17 -15.81
N VAL A 122 7.16 2.08 -16.39
CA VAL A 122 7.84 3.27 -16.91
C VAL A 122 7.68 3.29 -18.42
N GLY A 123 7.30 4.45 -18.93
CA GLY A 123 7.13 4.58 -20.37
C GLY A 123 6.08 3.61 -20.89
N ASN A 124 6.38 3.02 -22.05
CA ASN A 124 5.49 2.05 -22.68
C ASN A 124 5.53 0.67 -22.03
N THR A 125 6.35 0.46 -21.01
CA THR A 125 6.41 -0.82 -20.33
C THR A 125 5.36 -0.85 -19.24
N ILE A 126 4.54 -1.90 -19.23
CA ILE A 126 3.44 -2.01 -18.28
C ILE A 126 3.99 -2.51 -16.95
N GLY A 127 3.54 -1.89 -15.86
CA GLY A 127 3.96 -2.29 -14.53
C GLY A 127 2.92 -3.12 -13.80
N PRO A 128 3.34 -3.77 -12.70
CA PRO A 128 2.44 -4.74 -12.06
C PRO A 128 1.22 -4.10 -11.41
N GLY A 129 1.33 -2.86 -10.94
CA GLY A 129 0.18 -2.26 -10.31
C GLY A 129 -0.91 -1.83 -11.27
N GLU A 130 -0.64 -1.94 -12.58
CA GLU A 130 -1.64 -1.63 -13.59
C GLU A 130 -2.67 -2.75 -13.75
N ASP A 131 -2.45 -3.90 -13.11
CA ASP A 131 -3.37 -5.03 -13.25
C ASP A 131 -3.41 -5.63 -11.85
N LYS A 132 -4.32 -5.13 -11.00
CA LYS A 132 -4.29 -5.48 -9.57
C LYS A 132 -4.56 -6.96 -9.37
N TYR A 133 -5.49 -7.53 -10.15
CA TYR A 133 -5.74 -8.95 -10.09
C TYR A 133 -4.46 -9.74 -10.32
N LYS A 134 -3.79 -9.47 -11.45
CA LYS A 134 -2.56 -10.19 -11.76
C LYS A 134 -1.46 -9.92 -10.74
N ALA A 135 -1.42 -8.71 -10.17
CA ALA A 135 -0.41 -8.38 -9.15
C ALA A 135 -0.56 -9.29 -7.94
N VAL A 136 -1.80 -9.46 -7.46
CA VAL A 136 -2.04 -10.33 -6.32
C VAL A 136 -1.73 -11.78 -6.66
N VAL A 137 -2.17 -12.23 -7.84
CA VAL A 137 -1.91 -13.62 -8.21
C VAL A 137 -0.42 -13.87 -8.26
N SER A 138 0.33 -12.96 -8.89
CA SER A 138 1.78 -13.11 -8.97
C SER A 138 2.41 -13.11 -7.60
N HIS A 139 1.96 -12.23 -6.72
CA HIS A 139 2.54 -12.19 -5.38
C HIS A 139 2.27 -13.47 -4.62
N GLU A 140 1.02 -13.96 -4.66
CA GLU A 140 0.71 -15.20 -3.93
C GLU A 140 1.51 -16.37 -4.46
N GLU A 141 1.90 -16.33 -5.72
CA GLU A 141 2.63 -17.45 -6.30
C GLU A 141 4.12 -17.44 -5.98
N LYS A 142 4.63 -16.39 -5.35
CA LYS A 142 6.02 -16.41 -4.90
C LYS A 142 6.21 -17.57 -3.92
N PRO A 143 7.36 -18.26 -3.96
CA PRO A 143 7.50 -19.48 -3.15
C PRO A 143 7.49 -19.25 -1.65
N GLU A 144 7.77 -18.05 -1.17
CA GLU A 144 7.74 -17.82 0.27
C GLU A 144 6.34 -17.56 0.81
N CYS A 145 5.36 -17.30 -0.05
CA CYS A 145 4.02 -16.95 0.40
C CYS A 145 3.24 -18.20 0.76
N LEU A 146 2.58 -18.17 1.91
CA LEU A 146 1.82 -19.27 2.46
C LEU A 146 0.43 -18.77 2.84
N PRO A 147 -0.55 -19.66 2.89
CA PRO A 147 -1.88 -19.23 3.33
C PRO A 147 -1.85 -18.66 4.73
N GLY A 148 -2.81 -17.78 5.00
CA GLY A 148 -2.91 -17.15 6.30
C GLY A 148 -3.81 -15.92 6.20
N PHE A 149 -3.49 -14.91 6.98
CA PHE A 149 -4.35 -13.74 7.07
C PHE A 149 -4.11 -12.81 5.90
N ARG A 150 -5.20 -12.25 5.37
CA ARG A 150 -5.12 -11.29 4.27
C ARG A 150 -6.00 -10.09 4.59
N LEU A 151 -5.41 -8.90 4.53
CA LEU A 151 -6.14 -7.65 4.64
C LEU A 151 -5.99 -6.91 3.33
N ILE A 152 -7.12 -6.43 2.77
CA ILE A 152 -7.13 -5.69 1.50
C ILE A 152 -7.93 -4.43 1.72
N CYS A 153 -7.32 -3.28 1.43
CA CYS A 153 -7.99 -1.99 1.49
C CYS A 153 -7.89 -1.30 0.13
N ASP A 154 -9.03 -0.88 -0.40
CA ASP A 154 -9.07 -0.12 -1.65
C ASP A 154 -10.25 0.84 -1.59
N ASP A 155 -10.04 2.05 -2.13
CA ASP A 155 -11.15 3.00 -2.23
C ASP A 155 -11.99 2.80 -3.50
N ASP A 156 -11.48 2.06 -4.47
CA ASP A 156 -12.22 1.74 -5.68
C ASP A 156 -12.77 0.33 -5.49
N GLU A 157 -14.10 0.22 -5.36
CA GLU A 157 -14.68 -1.09 -5.05
C GLU A 157 -14.29 -2.13 -6.08
N VAL A 158 -14.31 -1.74 -7.35
CA VAL A 158 -13.92 -2.64 -8.44
C VAL A 158 -12.48 -3.10 -8.27
N ASP A 159 -11.56 -2.15 -8.14
CA ASP A 159 -10.16 -2.48 -7.86
C ASP A 159 -10.05 -3.41 -6.68
N GLY A 160 -10.80 -3.13 -5.61
CA GLY A 160 -10.70 -3.94 -4.42
C GLY A 160 -11.10 -5.38 -4.70
N GLU A 161 -12.19 -5.56 -5.46
CA GLU A 161 -12.61 -6.89 -5.86
C GLU A 161 -11.59 -7.53 -6.79
N GLU A 162 -10.90 -6.72 -7.60
CA GLU A 162 -9.83 -7.29 -8.42
C GLU A 162 -8.76 -7.94 -7.55
N MET A 163 -8.35 -7.28 -6.46
CA MET A 163 -7.38 -7.90 -5.57
C MET A 163 -7.98 -9.09 -4.83
N CYS A 164 -9.22 -8.97 -4.35
CA CYS A 164 -9.92 -10.12 -3.78
C CYS A 164 -10.01 -11.28 -4.78
N ASN A 165 -10.37 -10.99 -6.04
CA ASN A 165 -10.46 -12.07 -7.02
C ASN A 165 -9.13 -12.76 -7.22
N GLY A 166 -8.02 -12.04 -7.13
CA GLY A 166 -6.72 -12.67 -7.21
C GLY A 166 -6.44 -13.66 -6.09
N LEU A 167 -6.83 -13.32 -4.84
CA LEU A 167 -6.72 -14.29 -3.75
C LEU A 167 -7.59 -15.52 -4.02
N ILE A 168 -8.81 -15.30 -4.49
CA ILE A 168 -9.68 -16.44 -4.77
C ILE A 168 -9.05 -17.33 -5.82
N HIS A 169 -8.56 -16.74 -6.91
CA HIS A 169 -7.98 -17.54 -7.99
C HIS A 169 -6.85 -18.42 -7.51
N THR A 170 -6.11 -17.98 -6.49
CA THR A 170 -4.96 -18.71 -5.97
C THR A 170 -5.29 -19.57 -4.76
N GLY A 171 -6.56 -19.66 -4.38
CA GLY A 171 -6.93 -20.42 -3.20
C GLY A 171 -6.40 -19.87 -1.92
N ARG A 172 -6.23 -18.55 -1.83
CA ARG A 172 -5.62 -17.86 -0.70
C ARG A 172 -6.60 -16.93 0.00
N SER A 173 -7.88 -17.25 -0.02
CA SER A 173 -8.90 -16.34 0.48
C SER A 173 -9.71 -16.96 1.61
N GLN A 174 -9.08 -17.80 2.42
CA GLN A 174 -9.81 -18.45 3.50
C GLN A 174 -10.00 -17.55 4.71
N LEU A 175 -9.25 -16.46 4.81
CA LEU A 175 -9.25 -15.61 5.99
C LEU A 175 -8.89 -14.20 5.52
N VAL A 176 -9.83 -13.56 4.83
CA VAL A 176 -9.64 -12.26 4.24
C VAL A 176 -10.49 -11.24 4.96
N LYS A 177 -9.92 -10.07 5.22
CA LYS A 177 -10.69 -8.90 5.63
C LYS A 177 -10.57 -7.88 4.51
N PHE A 178 -11.70 -7.46 3.96
CA PHE A 178 -11.71 -6.56 2.82
C PHE A 178 -12.44 -5.30 3.23
N HIS A 179 -11.76 -4.16 3.07
CA HIS A 179 -12.33 -2.86 3.43
C HIS A 179 -12.30 -1.94 2.21
N ASN A 180 -13.49 -1.52 1.80
CA ASN A 180 -13.66 -0.56 0.73
C ASN A 180 -14.37 0.63 1.35
N GLU A 181 -13.68 1.76 1.41
CA GLU A 181 -14.23 2.97 2.03
C GLU A 181 -13.87 4.16 1.15
N LYS A 182 -14.64 5.24 1.31
CA LYS A 182 -14.28 6.49 0.65
C LYS A 182 -12.97 7.02 1.24
N PRO A 183 -12.19 7.74 0.45
CA PRO A 183 -10.92 8.27 0.98
C PRO A 183 -11.17 9.06 2.25
N GLY A 184 -10.28 8.87 3.22
CA GLY A 184 -10.45 9.50 4.51
C GLY A 184 -11.38 8.78 5.46
N GLN A 185 -12.02 7.70 5.03
CA GLN A 185 -13.02 7.01 5.85
C GLN A 185 -12.56 5.62 6.29
N PHE A 186 -11.27 5.30 6.13
CA PHE A 186 -10.77 3.99 6.55
C PHE A 186 -10.49 3.96 8.05
N LYS A 187 -10.85 2.85 8.69
CA LYS A 187 -10.73 2.72 10.14
C LYS A 187 -9.46 1.94 10.48
N TRP A 188 -8.33 2.59 10.25
CA TRP A 188 -7.04 1.91 10.37
C TRP A 188 -6.83 1.33 11.76
N GLY A 189 -7.27 2.03 12.80
CA GLY A 189 -7.16 1.49 14.15
C GLY A 189 -7.88 0.17 14.31
N GLU A 190 -9.08 0.06 13.74
CA GLU A 190 -9.81 -1.21 13.75
C GLU A 190 -9.10 -2.27 12.92
N TYR A 191 -8.49 -1.87 11.81
CA TYR A 191 -7.76 -2.84 10.98
C TYR A 191 -6.52 -3.35 11.71
N PHE A 192 -5.88 -2.49 12.49
CA PHE A 192 -4.76 -2.95 13.30
C PHE A 192 -5.24 -3.99 14.32
N LYS A 193 -6.40 -3.74 14.92
CA LYS A 193 -6.96 -4.73 15.83
C LYS A 193 -7.22 -6.04 15.07
N GLU A 194 -7.68 -5.96 13.82
CA GLU A 194 -7.95 -7.16 13.04
C GLU A 194 -6.68 -7.95 12.77
N ILE A 195 -5.58 -7.27 12.43
CA ILE A 195 -4.31 -7.98 12.29
C ILE A 195 -3.97 -8.73 13.56
N LEU A 196 -3.94 -8.02 14.69
CA LEU A 196 -3.50 -8.64 15.94
C LEU A 196 -4.44 -9.77 16.36
N THR A 197 -5.75 -9.60 16.11
CA THR A 197 -6.72 -10.63 16.45
C THR A 197 -6.56 -11.89 15.61
N ASN A 198 -6.04 -11.78 14.39
CA ASN A 198 -5.96 -12.91 13.48
C ASN A 198 -4.55 -13.43 13.23
N CYS A 199 -3.52 -12.82 13.82
CA CYS A 199 -2.12 -13.21 13.58
C CYS A 199 -1.48 -13.47 14.94
N ASP A 200 -1.52 -14.73 15.37
CA ASP A 200 -1.06 -15.08 16.71
C ASP A 200 0.39 -14.66 16.94
N ILE A 201 1.28 -14.98 16.00
CA ILE A 201 2.69 -14.69 16.24
C ILE A 201 2.93 -13.19 16.17
N ALA A 202 2.16 -12.48 15.36
CA ALA A 202 2.23 -11.03 15.36
C ALA A 202 1.98 -10.49 16.76
N VAL A 203 0.86 -10.88 17.37
CA VAL A 203 0.51 -10.29 18.66
C VAL A 203 1.43 -10.78 19.77
N LYS A 204 2.00 -11.99 19.64
CA LYS A 204 2.95 -12.45 20.65
C LYS A 204 4.21 -11.59 20.65
N GLU A 205 4.70 -11.23 19.45
CA GLU A 205 5.89 -10.38 19.37
C GLU A 205 5.57 -8.94 19.76
N TYR A 206 4.34 -8.50 19.51
CA TYR A 206 3.94 -7.13 19.83
C TYR A 206 3.99 -6.87 21.33
N LEU A 207 3.70 -7.88 22.14
CA LEU A 207 3.71 -7.73 23.59
C LEU A 207 5.13 -7.96 24.09
N ASN A 208 5.79 -6.87 24.49
CA ASN A 208 7.20 -6.92 24.90
C ASN A 208 7.34 -6.62 26.39
P PO4 B . -4.08 3.80 -7.11
O1 PO4 B . -2.99 3.80 -6.05
O2 PO4 B . -4.11 2.52 -7.95
O3 PO4 B . -3.81 4.98 -8.03
O4 PO4 B . -5.43 4.05 -6.48
MG MG C . -7.06 4.17 -5.06
C1 GOL D . 25.92 10.76 1.14
O1 GOL D . 26.94 10.53 0.21
C2 GOL D . 24.65 11.11 0.36
O2 GOL D . 23.56 11.17 1.22
C3 GOL D . 24.94 12.45 -0.29
O3 GOL D . 23.67 12.98 -0.70
H11 GOL D . 25.75 9.99 1.70
H12 GOL D . 26.13 11.48 1.75
HO1 GOL D . 26.84 9.73 -0.07
H2 GOL D . 24.46 10.44 -0.31
HO2 GOL D . 22.97 10.63 0.93
H31 GOL D . 25.41 13.02 0.34
H32 GOL D . 25.55 12.33 -1.04
HO3 GOL D . 23.70 13.81 -0.55
#